data_9FKN
#
_entry.id   9FKN
#
_cell.length_a   1.00
_cell.length_b   1.00
_cell.length_c   1.00
_cell.angle_alpha   90.00
_cell.angle_beta   90.00
_cell.angle_gamma   90.00
#
_symmetry.space_group_name_H-M   'P 1'
#
loop_
_entity.id
_entity.type
_entity.pdbx_description
1 polymer 'Monocarboxylate transporter 8'
2 polymer 'ALFA-tag nanobody'
3 non-polymer "3,5,3',5'-TETRAIODO-L-THYRONINE"
#
loop_
_entity_poly.entity_id
_entity_poly.type
_entity_poly.pdbx_seq_one_letter_code
_entity_poly.pdbx_strand_id
1 'polypeptide(L)'
;MDYKDDDDKALQSQASEEAKGPWQEADQEQQEPVGSPEPESEPEPEPEPEPVPVPPPEPQPEPQPLPDPAPLPELEFESE
RVHEPEPTPTVETRGTARGFQPPEGGFGWVVVFAATWCNGSIFGIHNSVGILYSMLLEEEKEKNRQVEFQAAWVGALAMG
MIFFCSPIVSIFTDRLGCRITATAGAAVAFIGLHTSSFTSSLSLRYFTYGILFGCGCSFAFQPSLVILGHYFQRRLGLAN
GVVSAGSSIFSMSFPFLIRMLGDKIKLAQTFQVLSTFMFVLMLLSLTYRPLLPSSQDTPSKRGVRTLHQRFLAQLRKYFN
MRVFRQRTYRIWAFGIAAAALGYFVPYVHLMKYVEEEFSEIKETWVLLVCIGATSGLGRLVSGHISDSIPGLKKIYLQVL
SFLLLGLMSMMIPLCRDFGGLIVVCLFLGLCDGFFITIMAPIAFELVGPMQASQAIGYLLGMMALPMIAGPPIAGLLRNC
FGDYHVAFYFAGVPPIIGAVILFFVPSRLEEELRRRLTEPI
;
A
2 'polypeptide(L)'
;GSEVQLQESGGGLVQPGGSLRLSCTASGVTISALNAMAMGWYRQAPGERRVMVAAVSERGNAMYRESVQGRFTVTRDFTN
KMVSLQMDNLKPEDTAVYYCHVLEDRVDSFHDYWGQGTQVTVSS
;
B
#
# COMPACT_ATOMS: atom_id res chain seq x y z
N PRO A 102 15.78 -13.03 13.78
CA PRO A 102 14.49 -13.72 13.65
C PRO A 102 14.64 -15.10 12.99
N PRO A 103 14.01 -16.13 13.55
CA PRO A 103 14.17 -17.47 12.98
C PRO A 103 13.74 -17.56 11.53
N GLU A 104 12.78 -16.75 11.11
CA GLU A 104 12.22 -16.82 9.76
C GLU A 104 12.05 -18.27 9.35
N GLY A 105 11.37 -19.02 10.21
CA GLY A 105 11.18 -20.44 10.00
C GLY A 105 10.73 -21.09 11.29
N GLY A 106 10.93 -22.40 11.35
CA GLY A 106 10.61 -23.15 12.55
C GLY A 106 9.27 -22.75 13.15
N PHE A 107 9.30 -22.31 14.41
CA PHE A 107 8.07 -22.05 15.15
C PHE A 107 7.17 -21.08 14.42
N GLY A 108 7.74 -20.08 13.76
CA GLY A 108 6.95 -19.05 13.11
C GLY A 108 5.78 -19.57 12.30
N TRP A 109 5.90 -20.81 11.82
CA TRP A 109 4.84 -21.36 10.98
C TRP A 109 3.52 -21.47 11.74
N VAL A 110 3.57 -21.87 13.01
CA VAL A 110 2.32 -21.98 13.77
C VAL A 110 1.67 -20.62 13.94
N VAL A 111 2.47 -19.58 14.16
CA VAL A 111 1.95 -18.22 14.22
C VAL A 111 1.28 -17.85 12.91
N VAL A 112 1.93 -18.15 11.79
CA VAL A 112 1.32 -17.90 10.48
C VAL A 112 -0.03 -18.59 10.38
N PHE A 113 -0.09 -19.85 10.83
CA PHE A 113 -1.35 -20.60 10.82
C PHE A 113 -2.43 -19.88 11.62
N ALA A 114 -2.09 -19.45 12.83
CA ALA A 114 -3.08 -18.76 13.65
C ALA A 114 -3.60 -17.51 12.95
N ALA A 115 -2.69 -16.73 12.35
CA ALA A 115 -3.12 -15.52 11.65
C ALA A 115 -4.04 -15.86 10.48
N THR A 116 -3.69 -16.91 9.74
CA THR A 116 -4.58 -17.36 8.66
C THR A 116 -5.98 -17.61 9.20
N TRP A 117 -6.06 -18.32 10.33
CA TRP A 117 -7.37 -18.60 10.94
C TRP A 117 -8.11 -17.31 11.24
N CYS A 118 -7.41 -16.36 11.86
CA CYS A 118 -8.01 -15.07 12.17
C CYS A 118 -8.68 -14.44 10.95
N ASN A 119 -7.88 -14.19 9.91
CA ASN A 119 -8.42 -13.49 8.74
C ASN A 119 -9.55 -14.27 8.10
N GLY A 120 -9.38 -15.58 7.95
CA GLY A 120 -10.42 -16.37 7.33
C GLY A 120 -11.73 -16.28 8.09
N SER A 121 -11.67 -16.33 9.42
CA SER A 121 -12.90 -16.19 10.17
C SER A 121 -13.52 -14.81 9.92
N ILE A 122 -12.71 -13.76 9.95
CA ILE A 122 -13.33 -12.43 9.98
C ILE A 122 -14.01 -12.15 8.66
N PHE A 123 -13.22 -12.16 7.58
CA PHE A 123 -13.78 -11.74 6.30
C PHE A 123 -14.80 -12.75 5.79
N GLY A 124 -14.56 -14.04 6.04
CA GLY A 124 -15.55 -15.06 5.76
C GLY A 124 -16.89 -14.74 6.37
N ILE A 125 -16.91 -14.48 7.68
CA ILE A 125 -18.16 -14.11 8.33
C ILE A 125 -18.78 -12.91 7.64
N HIS A 126 -18.04 -11.81 7.59
CA HIS A 126 -18.59 -10.59 6.99
C HIS A 126 -19.36 -10.88 5.71
N ASN A 127 -18.67 -11.51 4.75
CA ASN A 127 -19.32 -11.77 3.46
C ASN A 127 -20.52 -12.69 3.60
N SER A 128 -20.41 -13.74 4.41
CA SER A 128 -21.52 -14.67 4.56
C SER A 128 -22.76 -13.97 5.10
N VAL A 129 -22.60 -13.18 6.16
CA VAL A 129 -23.73 -12.46 6.75
C VAL A 129 -24.34 -11.53 5.72
N GLY A 130 -23.50 -10.81 4.97
CA GLY A 130 -24.04 -9.95 3.94
C GLY A 130 -24.89 -10.71 2.95
N ILE A 131 -24.39 -11.85 2.46
CA ILE A 131 -25.15 -12.66 1.52
C ILE A 131 -26.46 -13.12 2.15
N LEU A 132 -26.43 -13.50 3.42
CA LEU A 132 -27.65 -13.93 4.09
C LEU A 132 -28.68 -12.82 4.10
N TYR A 133 -28.27 -11.60 4.44
CA TYR A 133 -29.21 -10.48 4.42
C TYR A 133 -29.77 -10.27 3.02
N SER A 134 -28.90 -10.31 2.00
CA SER A 134 -29.38 -10.18 0.63
C SER A 134 -30.42 -11.25 0.32
N MET A 135 -30.25 -12.46 0.87
CA MET A 135 -31.19 -13.53 0.61
C MET A 135 -32.52 -13.28 1.32
N LEU A 136 -32.49 -12.67 2.51
CA LEU A 136 -33.72 -12.40 3.23
C LEU A 136 -34.55 -11.31 2.55
N LEU A 137 -33.89 -10.33 1.94
CA LEU A 137 -34.60 -9.28 1.22
C LEU A 137 -34.95 -9.68 -0.22
N GLU A 138 -34.61 -10.90 -0.63
CA GLU A 138 -34.83 -11.30 -2.01
C GLU A 138 -36.32 -11.30 -2.37
N GLU A 139 -37.16 -11.82 -1.47
CA GLU A 139 -38.57 -12.04 -1.79
C GLU A 139 -39.52 -11.13 -1.02
N GLU A 140 -39.04 -10.38 -0.03
CA GLU A 140 -39.90 -9.54 0.78
C GLU A 140 -39.32 -8.14 0.90
N LYS A 141 -40.21 -7.15 0.94
CA LYS A 141 -39.77 -5.76 1.04
C LYS A 141 -39.03 -5.53 2.36
N GLU A 142 -39.56 -6.05 3.46
CA GLU A 142 -38.93 -5.94 4.76
C GLU A 142 -38.03 -7.14 5.01
N LYS A 143 -37.54 -7.29 6.24
CA LYS A 143 -36.70 -8.43 6.60
C LYS A 143 -35.40 -8.43 5.82
N VAL A 147 -36.81 -0.86 6.24
CA VAL A 147 -35.69 -1.49 6.94
C VAL A 147 -34.62 -1.90 5.93
N GLU A 148 -35.01 -1.94 4.66
CA GLU A 148 -34.08 -2.36 3.61
C GLU A 148 -32.85 -1.44 3.57
N PHE A 149 -33.08 -0.13 3.52
CA PHE A 149 -31.96 0.81 3.46
C PHE A 149 -31.08 0.68 4.69
N GLN A 150 -31.67 0.63 5.88
CA GLN A 150 -30.89 0.44 7.09
C GLN A 150 -30.25 -0.94 7.12
N ALA A 151 -30.94 -1.95 6.60
CA ALA A 151 -30.35 -3.28 6.56
C ALA A 151 -29.08 -3.29 5.73
N ALA A 152 -29.10 -2.64 4.56
CA ALA A 152 -27.90 -2.52 3.76
C ALA A 152 -26.84 -1.70 4.47
N TRP A 153 -27.24 -0.62 5.13
CA TRP A 153 -26.27 0.21 5.83
C TRP A 153 -25.59 -0.55 6.96
N VAL A 154 -26.25 -1.56 7.52
CA VAL A 154 -25.68 -2.29 8.65
C VAL A 154 -24.36 -2.94 8.27
N GLY A 155 -24.35 -3.66 7.13
CA GLY A 155 -23.13 -4.32 6.70
C GLY A 155 -22.01 -3.34 6.42
N ALA A 156 -22.34 -2.22 5.78
CA ALA A 156 -21.34 -1.20 5.51
C ALA A 156 -20.76 -0.64 6.81
N LEU A 157 -21.62 -0.40 7.80
CA LEU A 157 -21.14 0.10 9.09
C LEU A 157 -20.19 -0.91 9.73
N ALA A 158 -20.57 -2.18 9.73
CA ALA A 158 -19.73 -3.20 10.34
C ALA A 158 -18.38 -3.29 9.64
N MET A 159 -18.37 -3.26 8.30
CA MET A 159 -17.11 -3.29 7.58
C MET A 159 -16.27 -2.06 7.88
N GLY A 160 -16.92 -0.89 7.93
CA GLY A 160 -16.17 0.33 8.13
C GLY A 160 -15.51 0.40 9.49
N MET A 161 -16.20 -0.09 10.52
CA MET A 161 -15.64 0.01 11.87
C MET A 161 -14.28 -0.66 11.96
N ILE A 162 -14.00 -1.65 11.11
CA ILE A 162 -12.68 -2.28 11.12
C ILE A 162 -11.62 -1.27 10.75
N PHE A 163 -11.86 -0.48 9.72
CA PHE A 163 -10.88 0.52 9.30
C PHE A 163 -10.86 1.72 10.23
N PHE A 164 -12.03 2.14 10.72
CA PHE A 164 -12.12 3.42 11.41
C PHE A 164 -11.44 3.38 12.77
N CYS A 165 -11.40 2.22 13.43
CA CYS A 165 -10.88 2.13 14.78
C CYS A 165 -9.40 1.76 14.84
N SER A 166 -8.72 1.63 13.69
CA SER A 166 -7.37 1.11 13.70
C SER A 166 -6.40 1.92 14.57
N PRO A 167 -6.41 3.25 14.55
CA PRO A 167 -5.40 3.98 15.34
C PRO A 167 -5.44 3.68 16.84
N ILE A 168 -6.64 3.59 17.41
CA ILE A 168 -6.72 3.32 18.85
C ILE A 168 -6.22 1.90 19.13
N VAL A 169 -6.50 0.98 18.21
CA VAL A 169 -5.94 -0.36 18.33
C VAL A 169 -4.41 -0.29 18.27
N SER A 170 -3.86 0.59 17.45
CA SER A 170 -2.42 0.74 17.38
C SER A 170 -1.87 1.18 18.73
N ILE A 171 -2.50 2.17 19.34
CA ILE A 171 -2.05 2.63 20.65
C ILE A 171 -2.08 1.48 21.65
N PHE A 172 -3.20 0.76 21.68
CA PHE A 172 -3.33 -0.33 22.65
C PHE A 172 -2.28 -1.41 22.41
N THR A 173 -2.06 -1.78 21.15
CA THR A 173 -1.06 -2.79 20.86
C THR A 173 0.31 -2.35 21.33
N ASP A 174 0.71 -1.12 20.99
CA ASP A 174 2.03 -0.66 21.39
C ASP A 174 2.17 -0.64 22.90
N ARG A 175 1.12 -0.26 23.62
CA ARG A 175 1.25 -0.08 25.06
C ARG A 175 0.94 -1.32 25.88
N LEU A 176 0.44 -2.39 25.26
CA LEU A 176 0.11 -3.60 26.02
C LEU A 176 0.75 -4.86 25.47
N GLY A 177 0.83 -5.01 24.15
CA GLY A 177 1.38 -6.21 23.57
C GLY A 177 0.40 -6.90 22.65
N CYS A 178 0.91 -7.63 21.66
CA CYS A 178 0.04 -8.22 20.65
C CYS A 178 -0.89 -9.27 21.26
N ARG A 179 -0.38 -10.09 22.18
CA ARG A 179 -1.16 -11.22 22.68
C ARG A 179 -2.42 -10.73 23.41
N ILE A 180 -2.25 -9.80 24.35
CA ILE A 180 -3.38 -9.38 25.17
C ILE A 180 -4.43 -8.68 24.32
N THR A 181 -4.00 -7.79 23.43
CA THR A 181 -4.97 -7.07 22.61
C THR A 181 -5.70 -8.02 21.67
N ALA A 182 -4.99 -8.98 21.08
CA ALA A 182 -5.66 -9.95 20.22
C ALA A 182 -6.69 -10.76 20.99
N THR A 183 -6.32 -11.21 22.19
CA THR A 183 -7.26 -11.99 22.99
C THR A 183 -8.49 -11.16 23.35
N ALA A 184 -8.29 -9.90 23.75
CA ALA A 184 -9.43 -9.07 24.12
C ALA A 184 -10.33 -8.83 22.91
N GLY A 185 -9.75 -8.57 21.75
CA GLY A 185 -10.56 -8.38 20.57
C GLY A 185 -11.37 -9.61 20.22
N ALA A 186 -10.74 -10.79 20.29
CA ALA A 186 -11.48 -12.01 20.01
C ALA A 186 -12.62 -12.21 21.00
N ALA A 187 -12.37 -11.95 22.28
CA ALA A 187 -13.43 -12.12 23.27
C ALA A 187 -14.59 -11.17 23.00
N VAL A 188 -14.29 -9.90 22.70
CA VAL A 188 -15.36 -8.95 22.43
C VAL A 188 -16.15 -9.37 21.20
N ALA A 189 -15.46 -9.79 20.15
CA ALA A 189 -16.16 -10.21 18.94
C ALA A 189 -17.06 -11.41 19.24
N PHE A 190 -16.56 -12.37 20.01
CA PHE A 190 -17.39 -13.52 20.36
C PHE A 190 -18.63 -13.09 21.12
N ILE A 191 -18.47 -12.21 22.11
CA ILE A 191 -19.61 -11.78 22.91
C ILE A 191 -20.64 -11.11 22.02
N GLY A 192 -20.18 -10.21 21.16
CA GLY A 192 -21.11 -9.50 20.29
C GLY A 192 -21.85 -10.42 19.35
N LEU A 193 -21.11 -11.33 18.71
CA LEU A 193 -21.73 -12.23 17.76
C LEU A 193 -22.71 -13.18 18.45
N HIS A 194 -22.40 -13.57 19.69
CA HIS A 194 -23.32 -14.44 20.41
C HIS A 194 -24.59 -13.69 20.81
N THR A 195 -24.45 -12.46 21.28
CA THR A 195 -25.64 -11.74 21.74
C THR A 195 -26.50 -11.27 20.57
N SER A 196 -25.91 -11.08 19.39
CA SER A 196 -26.71 -10.64 18.25
C SER A 196 -27.86 -11.59 17.97
N SER A 197 -27.68 -12.88 18.22
CA SER A 197 -28.75 -13.84 17.97
C SER A 197 -29.96 -13.56 18.85
N PHE A 198 -29.72 -13.23 20.13
CA PHE A 198 -30.84 -12.95 21.02
C PHE A 198 -31.68 -11.77 20.52
N THR A 199 -31.05 -10.79 19.89
CA THR A 199 -31.77 -9.66 19.32
C THR A 199 -32.58 -10.12 18.12
N SER A 200 -33.91 -10.13 18.26
CA SER A 200 -34.79 -10.66 17.23
C SER A 200 -35.24 -9.51 16.32
N SER A 201 -34.45 -9.26 15.28
CA SER A 201 -34.81 -8.31 14.22
C SER A 201 -35.23 -6.96 14.82
N LEU A 202 -34.39 -6.43 15.69
CA LEU A 202 -34.66 -5.15 16.34
C LEU A 202 -33.44 -4.25 16.17
N SER A 203 -33.67 -2.94 16.30
CA SER A 203 -32.58 -1.97 16.22
C SER A 203 -31.41 -2.37 17.10
N LEU A 204 -31.64 -3.18 18.13
CA LEU A 204 -30.54 -3.73 18.89
C LEU A 204 -29.56 -4.48 17.99
N ARG A 205 -30.06 -5.10 16.92
CA ARG A 205 -29.15 -5.75 15.98
C ARG A 205 -28.19 -4.73 15.39
N TYR A 206 -28.70 -3.56 14.99
CA TYR A 206 -27.82 -2.48 14.57
C TYR A 206 -26.67 -2.32 15.54
N PHE A 207 -27.00 -1.99 16.79
CA PHE A 207 -25.96 -1.66 17.77
C PHE A 207 -24.99 -2.81 17.94
N THR A 208 -25.49 -4.01 18.25
CA THR A 208 -24.60 -5.12 18.53
C THR A 208 -23.76 -5.44 17.31
N TYR A 209 -24.40 -5.90 16.24
CA TYR A 209 -23.64 -6.41 15.11
C TYR A 209 -22.75 -5.36 14.48
N GLY A 210 -23.08 -4.07 14.61
CA GLY A 210 -22.17 -3.06 14.14
C GLY A 210 -21.06 -2.79 15.13
N ILE A 211 -21.39 -2.20 16.27
CA ILE A 211 -20.35 -1.73 17.18
C ILE A 211 -19.54 -2.89 17.73
N LEU A 212 -20.22 -3.84 18.39
CA LEU A 212 -19.47 -4.89 19.08
C LEU A 212 -18.64 -5.71 18.10
N PHE A 213 -19.27 -6.21 17.05
CA PHE A 213 -18.54 -7.05 16.11
C PHE A 213 -17.44 -6.28 15.41
N GLY A 214 -17.72 -5.05 14.96
CA GLY A 214 -16.71 -4.29 14.24
C GLY A 214 -15.52 -3.96 15.11
N CYS A 215 -15.78 -3.49 16.33
CA CYS A 215 -14.66 -3.14 17.21
C CYS A 215 -13.87 -4.40 17.57
N GLY A 216 -14.55 -5.53 17.80
CA GLY A 216 -13.83 -6.75 18.08
C GLY A 216 -12.92 -7.15 16.94
N CYS A 217 -13.46 -7.12 15.71
CA CYS A 217 -12.65 -7.49 14.56
C CYS A 217 -11.49 -6.52 14.38
N SER A 218 -11.73 -5.23 14.62
CA SER A 218 -10.65 -4.25 14.48
C SER A 218 -9.54 -4.51 15.49
N PHE A 219 -9.92 -4.85 16.73
CA PHE A 219 -8.91 -5.18 17.72
C PHE A 219 -8.15 -6.45 17.33
N ALA A 220 -8.85 -7.43 16.78
CA ALA A 220 -8.19 -8.69 16.46
C ALA A 220 -7.31 -8.59 15.23
N PHE A 221 -7.61 -7.68 14.31
CA PHE A 221 -6.99 -7.74 12.99
C PHE A 221 -5.56 -7.22 12.99
N GLN A 222 -5.36 -5.96 13.38
CA GLN A 222 -4.05 -5.35 13.24
C GLN A 222 -2.93 -6.17 13.86
N PRO A 223 -3.06 -6.71 15.07
CA PRO A 223 -2.01 -7.58 15.58
C PRO A 223 -1.73 -8.76 14.67
N SER A 224 -2.75 -9.29 13.99
CA SER A 224 -2.51 -10.37 13.04
C SER A 224 -1.57 -9.95 11.93
N LEU A 225 -1.45 -8.65 11.66
CA LEU A 225 -0.47 -8.16 10.70
C LEU A 225 0.86 -7.83 11.35
N VAL A 226 0.82 -7.27 12.57
CA VAL A 226 2.06 -6.84 13.20
C VAL A 226 2.91 -8.02 13.61
N ILE A 227 2.30 -9.05 14.22
CA ILE A 227 3.08 -10.09 14.88
C ILE A 227 4.01 -10.78 13.89
N LEU A 228 3.57 -10.97 12.65
CA LEU A 228 4.40 -11.64 11.68
C LEU A 228 5.76 -10.97 11.56
N GLY A 229 5.82 -9.66 11.71
CA GLY A 229 7.09 -8.97 11.56
C GLY A 229 8.14 -9.48 12.51
N HIS A 230 7.75 -9.83 13.73
CA HIS A 230 8.71 -10.30 14.72
C HIS A 230 9.37 -11.61 14.31
N TYR A 231 8.75 -12.38 13.41
CA TYR A 231 9.23 -13.72 13.10
C TYR A 231 9.70 -13.87 11.65
N PHE A 232 9.87 -12.77 10.91
CA PHE A 232 10.32 -12.87 9.54
C PHE A 232 11.01 -11.57 9.13
N GLN A 233 12.21 -11.69 8.60
CA GLN A 233 12.99 -10.54 8.15
C GLN A 233 13.38 -10.63 6.69
N ARG A 234 13.80 -11.80 6.22
CA ARG A 234 14.21 -12.00 4.84
C ARG A 234 13.21 -12.82 4.03
N ARG A 235 12.07 -13.17 4.61
CA ARG A 235 11.06 -13.93 3.88
C ARG A 235 9.65 -13.43 4.19
N LEU A 236 9.52 -12.22 4.74
CA LEU A 236 8.21 -11.73 5.16
C LEU A 236 7.22 -11.75 4.01
N GLY A 237 7.68 -11.49 2.79
CA GLY A 237 6.76 -11.48 1.66
C GLY A 237 6.09 -12.82 1.45
N LEU A 238 6.87 -13.90 1.52
CA LEU A 238 6.30 -15.23 1.36
C LEU A 238 5.32 -15.54 2.48
N ALA A 239 5.64 -15.16 3.71
CA ALA A 239 4.75 -15.41 4.82
C ALA A 239 3.42 -14.69 4.63
N ASN A 240 3.48 -13.41 4.24
CA ASN A 240 2.24 -12.67 4.01
C ASN A 240 1.45 -13.26 2.85
N GLY A 241 2.15 -13.70 1.80
CA GLY A 241 1.46 -14.35 0.71
C GLY A 241 0.74 -15.60 1.16
N VAL A 242 1.41 -16.42 1.96
CA VAL A 242 0.78 -17.65 2.45
C VAL A 242 -0.43 -17.33 3.30
N VAL A 243 -0.30 -16.33 4.18
CA VAL A 243 -1.42 -15.96 5.05
C VAL A 243 -2.61 -15.51 4.20
N SER A 244 -2.35 -14.66 3.21
CA SER A 244 -3.45 -14.17 2.37
C SER A 244 -4.09 -15.31 1.60
N ALA A 245 -3.28 -16.22 1.04
CA ALA A 245 -3.85 -17.32 0.27
C ALA A 245 -4.70 -18.22 1.15
N GLY A 246 -4.19 -18.55 2.34
CA GLY A 246 -4.97 -19.38 3.25
C GLY A 246 -6.27 -18.71 3.64
N SER A 247 -6.22 -17.41 3.94
CA SER A 247 -7.43 -16.69 4.32
C SER A 247 -8.44 -16.68 3.17
N SER A 248 -7.97 -16.47 1.94
CA SER A 248 -8.88 -16.46 0.81
C SER A 248 -9.54 -17.81 0.62
N ILE A 249 -8.77 -18.89 0.73
CA ILE A 249 -9.34 -20.22 0.60
C ILE A 249 -10.36 -20.46 1.71
N PHE A 250 -10.04 -20.06 2.94
CA PHE A 250 -10.96 -20.25 4.05
C PHE A 250 -12.27 -19.51 3.79
N SER A 251 -12.18 -18.27 3.34
CA SER A 251 -13.39 -17.50 3.06
C SER A 251 -14.20 -18.17 1.97
N MET A 252 -13.54 -18.60 0.89
CA MET A 252 -14.29 -19.21 -0.21
C MET A 252 -14.92 -20.52 0.20
N SER A 253 -14.35 -21.19 1.22
CA SER A 253 -14.94 -22.43 1.71
C SER A 253 -16.07 -22.20 2.70
N PHE A 254 -16.08 -21.06 3.37
CA PHE A 254 -17.08 -20.83 4.42
C PHE A 254 -18.52 -21.04 3.97
N PRO A 255 -18.98 -20.43 2.88
CA PRO A 255 -20.39 -20.65 2.48
C PRO A 255 -20.71 -22.11 2.22
N PHE A 256 -19.79 -22.86 1.61
CA PHE A 256 -20.02 -24.29 1.45
C PHE A 256 -20.20 -24.96 2.80
N LEU A 257 -19.39 -24.56 3.78
CA LEU A 257 -19.49 -25.15 5.11
C LEU A 257 -20.86 -24.87 5.72
N ILE A 258 -21.37 -23.66 5.55
CA ILE A 258 -22.64 -23.30 6.21
C ILE A 258 -23.83 -23.87 5.46
N ARG A 259 -24.01 -23.45 4.21
CA ARG A 259 -25.29 -23.66 3.54
C ARG A 259 -25.58 -25.14 3.33
N MET A 260 -24.65 -25.88 2.74
CA MET A 260 -24.90 -27.24 2.30
C MET A 260 -24.43 -28.29 3.31
N LEU A 261 -23.25 -28.12 3.89
CA LEU A 261 -22.78 -29.05 4.91
C LEU A 261 -23.64 -29.01 6.16
N GLY A 262 -24.48 -27.99 6.33
CA GLY A 262 -25.35 -27.91 7.48
C GLY A 262 -26.45 -26.88 7.30
N ASP A 263 -26.72 -26.10 8.35
CA ASP A 263 -27.75 -25.07 8.33
C ASP A 263 -29.15 -25.66 8.15
N LYS A 264 -29.38 -26.83 8.75
CA LYS A 264 -30.72 -27.38 8.81
C LYS A 264 -31.60 -26.65 9.82
N ILE A 265 -31.02 -25.75 10.61
CA ILE A 265 -31.73 -25.06 11.67
C ILE A 265 -32.20 -23.70 11.13
N LYS A 266 -33.15 -23.10 11.85
CA LYS A 266 -33.69 -21.82 11.43
C LYS A 266 -32.61 -20.75 11.45
N LEU A 267 -32.98 -19.58 10.91
CA LEU A 267 -31.99 -18.54 10.62
C LEU A 267 -31.44 -17.91 11.90
N ALA A 268 -32.25 -17.86 12.96
CA ALA A 268 -31.85 -17.13 14.15
C ALA A 268 -30.59 -17.70 14.78
N GLN A 269 -30.35 -19.00 14.64
CA GLN A 269 -29.22 -19.65 15.30
C GLN A 269 -27.93 -19.59 14.48
N THR A 270 -27.98 -19.00 13.28
CA THR A 270 -26.79 -18.91 12.45
C THR A 270 -25.68 -18.13 13.15
N PHE A 271 -26.02 -16.99 13.76
CA PHE A 271 -25.03 -16.22 14.49
C PHE A 271 -24.42 -17.05 15.62
N GLN A 272 -25.28 -17.76 16.36
CA GLN A 272 -24.78 -18.61 17.44
C GLN A 272 -23.76 -19.60 16.91
N VAL A 273 -24.07 -20.26 15.79
CA VAL A 273 -23.13 -21.22 15.22
C VAL A 273 -21.83 -20.54 14.84
N LEU A 274 -21.92 -19.37 14.20
CA LEU A 274 -20.71 -18.66 13.77
C LEU A 274 -19.85 -18.27 14.95
N SER A 275 -20.45 -18.08 16.12
CA SER A 275 -19.69 -17.64 17.28
C SER A 275 -18.50 -18.55 17.60
N THR A 276 -18.68 -19.86 17.41
CA THR A 276 -17.64 -20.80 17.81
C THR A 276 -16.31 -20.48 17.14
N PHE A 277 -16.35 -20.01 15.90
CA PHE A 277 -15.12 -19.66 15.21
C PHE A 277 -14.35 -18.60 15.99
N MET A 278 -15.04 -17.54 16.43
CA MET A 278 -14.36 -16.50 17.19
C MET A 278 -13.87 -17.04 18.52
N PHE A 279 -14.61 -17.95 19.14
CA PHE A 279 -14.11 -18.59 20.36
C PHE A 279 -12.78 -19.30 20.10
N VAL A 280 -12.73 -20.09 19.04
CA VAL A 280 -11.50 -20.80 18.70
C VAL A 280 -10.38 -19.82 18.43
N LEU A 281 -10.67 -18.74 17.73
CA LEU A 281 -9.67 -17.70 17.50
C LEU A 281 -9.16 -17.13 18.81
N MET A 282 -10.06 -16.91 19.77
CA MET A 282 -9.64 -16.44 21.08
C MET A 282 -8.62 -17.39 21.68
N LEU A 283 -8.89 -18.69 21.58
CA LEU A 283 -7.93 -19.67 22.08
C LEU A 283 -6.61 -19.56 21.34
N LEU A 284 -6.66 -19.48 20.02
CA LEU A 284 -5.42 -19.44 19.23
C LEU A 284 -4.60 -18.19 19.54
N SER A 285 -5.25 -17.12 19.94
CA SER A 285 -4.53 -15.87 20.17
C SER A 285 -3.47 -16.00 21.24
N LEU A 286 -3.54 -17.05 22.07
CA LEU A 286 -2.57 -17.21 23.15
C LEU A 286 -1.18 -17.57 22.64
N THR A 287 -1.02 -17.87 21.36
CA THR A 287 0.26 -18.32 20.82
C THR A 287 1.19 -17.19 20.43
N TYR A 288 0.74 -15.94 20.46
CA TYR A 288 1.55 -14.80 20.04
C TYR A 288 2.62 -14.51 21.10
N ARG A 289 3.64 -15.34 21.11
CA ARG A 289 4.72 -15.16 22.08
C ARG A 289 5.55 -13.96 21.68
N PRO A 290 5.71 -12.96 22.56
CA PRO A 290 6.52 -11.78 22.19
C PRO A 290 8.00 -12.10 22.27
N LEU A 291 8.67 -12.06 21.12
CA LEU A 291 10.09 -12.37 21.08
C LEU A 291 10.91 -11.30 21.79
N LEU A 292 10.65 -10.03 21.48
CA LEU A 292 11.39 -8.93 22.07
C LEU A 292 11.00 -8.72 23.53
N MET A 321 2.01 9.80 15.96
CA MET A 321 2.29 11.17 16.37
C MET A 321 3.63 11.63 15.81
N ARG A 322 4.44 10.69 15.31
CA ARG A 322 5.74 11.01 14.75
C ARG A 322 6.03 10.32 13.43
N VAL A 323 5.26 9.29 13.05
CA VAL A 323 5.52 8.62 11.78
C VAL A 323 5.22 9.54 10.61
N PHE A 324 4.17 10.36 10.73
CA PHE A 324 3.77 11.19 9.60
C PHE A 324 4.86 12.17 9.18
N ARG A 325 5.83 12.45 10.04
CA ARG A 325 6.86 13.40 9.67
C ARG A 325 7.60 12.96 8.41
N GLN A 326 7.76 11.66 8.21
CA GLN A 326 8.46 11.18 7.03
C GLN A 326 7.70 11.54 5.76
N ARG A 327 8.38 12.22 4.85
CA ARG A 327 7.77 12.57 3.57
C ARG A 327 7.38 11.33 2.80
N THR A 328 8.28 10.34 2.73
CA THR A 328 8.04 9.17 1.90
C THR A 328 6.79 8.43 2.34
N TYR A 329 6.68 8.13 3.64
CA TYR A 329 5.52 7.42 4.13
C TYR A 329 4.24 8.21 3.90
N ARG A 330 4.30 9.52 4.16
CA ARG A 330 3.12 10.35 3.93
C ARG A 330 2.63 10.21 2.50
N ILE A 331 3.54 10.38 1.54
CA ILE A 331 3.14 10.33 0.14
C ILE A 331 2.58 8.96 -0.21
N TRP A 332 3.26 7.89 0.22
CA TRP A 332 2.80 6.55 -0.10
C TRP A 332 1.40 6.31 0.46
N ALA A 333 1.18 6.66 1.72
CA ALA A 333 -0.12 6.45 2.34
C ALA A 333 -1.20 7.23 1.63
N PHE A 334 -0.91 8.50 1.30
CA PHE A 334 -1.91 9.31 0.61
C PHE A 334 -2.26 8.71 -0.73
N GLY A 335 -1.25 8.25 -1.47
CA GLY A 335 -1.53 7.64 -2.76
C GLY A 335 -2.40 6.40 -2.64
N ILE A 336 -2.07 5.53 -1.69
CA ILE A 336 -2.87 4.32 -1.50
C ILE A 336 -4.30 4.69 -1.14
N ALA A 337 -4.48 5.65 -0.24
CA ALA A 337 -5.82 6.05 0.15
C ALA A 337 -6.60 6.57 -1.05
N ALA A 338 -5.95 7.40 -1.88
CA ALA A 338 -6.64 7.92 -3.06
C ALA A 338 -7.06 6.79 -3.99
N ALA A 339 -6.17 5.82 -4.20
CA ALA A 339 -6.51 4.69 -5.07
C ALA A 339 -7.63 3.85 -4.49
N ALA A 340 -7.73 3.79 -3.16
CA ALA A 340 -8.71 2.91 -2.53
C ALA A 340 -10.15 3.28 -2.86
N LEU A 341 -10.40 4.50 -3.31
CA LEU A 341 -11.78 4.95 -3.50
C LEU A 341 -12.52 4.05 -4.48
N GLY A 342 -11.95 3.84 -5.66
CA GLY A 342 -12.60 3.00 -6.66
C GLY A 342 -12.18 1.55 -6.55
N TYR A 343 -12.48 0.92 -5.41
CA TYR A 343 -12.04 -0.43 -5.14
C TYR A 343 -13.18 -1.43 -5.09
N PHE A 344 -14.22 -1.17 -4.31
CA PHE A 344 -15.30 -2.13 -4.13
C PHE A 344 -16.35 -2.08 -5.23
N VAL A 345 -16.29 -1.10 -6.12
CA VAL A 345 -17.34 -0.97 -7.14
C VAL A 345 -17.51 -2.25 -7.94
N PRO A 346 -16.44 -2.88 -8.47
CA PRO A 346 -16.66 -4.14 -9.21
C PRO A 346 -17.34 -5.19 -8.37
N TYR A 347 -16.79 -5.50 -7.20
CA TYR A 347 -17.35 -6.57 -6.37
C TYR A 347 -18.81 -6.31 -6.05
N VAL A 348 -19.22 -5.04 -5.96
CA VAL A 348 -20.56 -4.73 -5.53
C VAL A 348 -21.56 -4.58 -6.67
N HIS A 349 -21.10 -4.33 -7.90
CA HIS A 349 -22.00 -4.07 -8.99
C HIS A 349 -21.86 -4.99 -10.20
N LEU A 350 -20.87 -5.88 -10.22
CA LEU A 350 -20.66 -6.70 -11.40
C LEU A 350 -21.85 -7.61 -11.66
N MET A 351 -22.38 -8.25 -10.63
CA MET A 351 -23.49 -9.17 -10.81
C MET A 351 -24.72 -8.45 -11.36
N LYS A 352 -25.03 -7.29 -10.77
CA LYS A 352 -26.18 -6.54 -11.25
C LYS A 352 -25.98 -6.11 -12.70
N TYR A 353 -24.77 -5.68 -13.04
CA TYR A 353 -24.52 -5.27 -14.43
C TYR A 353 -24.71 -6.44 -15.39
N VAL A 354 -24.12 -7.58 -15.07
CA VAL A 354 -24.18 -8.73 -15.96
C VAL A 354 -25.63 -9.16 -16.15
N GLU A 355 -26.40 -9.19 -15.05
CA GLU A 355 -27.81 -9.53 -15.16
C GLU A 355 -28.55 -8.51 -16.02
N GLU A 356 -28.24 -7.22 -15.83
CA GLU A 356 -28.94 -6.17 -16.56
C GLU A 356 -28.72 -6.29 -18.06
N GLU A 357 -27.48 -6.56 -18.46
CA GLU A 357 -27.13 -6.52 -19.89
C GLU A 357 -26.92 -7.88 -20.52
N PHE A 358 -26.85 -8.95 -19.73
CA PHE A 358 -26.60 -10.29 -20.26
C PHE A 358 -27.57 -11.29 -19.65
N SER A 359 -28.85 -10.94 -19.65
CA SER A 359 -29.86 -11.83 -19.08
C SER A 359 -29.89 -13.19 -19.77
N GLU A 360 -29.40 -13.28 -21.00
CA GLU A 360 -29.39 -14.56 -21.71
C GLU A 360 -28.56 -15.60 -20.97
N ILE A 361 -27.64 -15.18 -20.10
CA ILE A 361 -26.80 -16.12 -19.39
C ILE A 361 -27.64 -17.02 -18.50
N LYS A 362 -27.24 -18.28 -18.39
CA LYS A 362 -27.91 -19.19 -17.47
C LYS A 362 -27.67 -18.76 -16.02
N GLU A 363 -26.41 -18.77 -15.59
CA GLU A 363 -26.04 -18.32 -14.26
C GLU A 363 -24.77 -17.50 -14.37
N THR A 364 -24.62 -16.55 -13.44
CA THR A 364 -23.47 -15.65 -13.44
C THR A 364 -22.63 -15.80 -12.16
N TRP A 365 -22.76 -16.92 -11.46
CA TRP A 365 -21.88 -17.19 -10.33
C TRP A 365 -20.46 -17.46 -10.78
N VAL A 366 -20.25 -17.78 -12.05
CA VAL A 366 -18.94 -18.16 -12.53
C VAL A 366 -17.93 -17.06 -12.28
N LEU A 367 -18.32 -15.82 -12.55
CA LEU A 367 -17.35 -14.72 -12.51
C LEU A 367 -16.75 -14.55 -11.13
N LEU A 368 -17.58 -14.57 -10.09
CA LEU A 368 -17.05 -14.35 -8.74
C LEU A 368 -16.13 -15.48 -8.32
N VAL A 369 -16.52 -16.72 -8.63
CA VAL A 369 -15.67 -17.87 -8.31
C VAL A 369 -14.33 -17.74 -9.02
N CYS A 370 -14.36 -17.39 -10.30
CA CYS A 370 -13.11 -17.25 -11.06
C CYS A 370 -12.24 -16.15 -10.49
N ILE A 371 -12.86 -15.01 -10.13
CA ILE A 371 -12.08 -13.91 -9.58
C ILE A 371 -11.41 -14.33 -8.28
N GLY A 372 -12.14 -15.00 -7.40
CA GLY A 372 -11.53 -15.46 -6.16
C GLY A 372 -10.42 -16.46 -6.40
N ALA A 373 -10.64 -17.42 -7.29
CA ALA A 373 -9.64 -18.43 -7.57
C ALA A 373 -8.35 -17.81 -8.08
N THR A 374 -8.47 -16.89 -9.04
CA THR A 374 -7.27 -16.25 -9.56
C THR A 374 -6.64 -15.32 -8.53
N SER A 375 -7.44 -14.70 -7.67
CA SER A 375 -6.88 -13.85 -6.63
C SER A 375 -6.00 -14.64 -5.69
N GLY A 376 -6.41 -15.88 -5.38
CA GLY A 376 -5.56 -16.70 -4.51
C GLY A 376 -4.16 -16.87 -5.05
N LEU A 377 -4.06 -17.31 -6.31
CA LEU A 377 -2.76 -17.51 -6.94
C LEU A 377 -2.01 -16.20 -7.05
N GLY A 378 -2.71 -15.11 -7.39
CA GLY A 378 -2.05 -13.83 -7.45
C GLY A 378 -1.42 -13.46 -6.13
N ARG A 379 -2.15 -13.64 -5.04
CA ARG A 379 -1.62 -13.31 -3.72
C ARG A 379 -0.38 -14.14 -3.42
N LEU A 380 -0.46 -15.45 -3.64
CA LEU A 380 0.65 -16.32 -3.30
C LEU A 380 1.91 -15.96 -4.10
N VAL A 381 1.78 -15.84 -5.41
CA VAL A 381 2.95 -15.55 -6.22
C VAL A 381 3.49 -14.16 -5.91
N SER A 382 2.62 -13.19 -5.65
CA SER A 382 3.09 -11.86 -5.33
C SER A 382 3.92 -11.89 -4.05
N GLY A 383 3.44 -12.59 -3.03
CA GLY A 383 4.21 -12.70 -1.81
C GLY A 383 5.55 -13.38 -2.03
N HIS A 384 5.56 -14.42 -2.87
CA HIS A 384 6.82 -15.11 -3.14
C HIS A 384 7.81 -14.22 -3.86
N ILE A 385 7.34 -13.43 -4.84
CA ILE A 385 8.25 -12.61 -5.64
C ILE A 385 8.72 -11.39 -4.88
N SER A 386 7.89 -10.83 -4.01
CA SER A 386 8.20 -9.53 -3.41
C SER A 386 9.57 -9.54 -2.76
N ASP A 387 10.01 -10.68 -2.23
CA ASP A 387 11.32 -10.74 -1.60
C ASP A 387 12.46 -10.57 -2.60
N SER A 388 12.22 -10.87 -3.88
CA SER A 388 13.27 -10.71 -4.88
C SER A 388 13.67 -9.24 -5.02
N ILE A 389 12.70 -8.35 -5.19
CA ILE A 389 12.96 -6.94 -5.42
C ILE A 389 13.51 -6.32 -4.14
N PRO A 390 14.72 -5.78 -4.15
CA PRO A 390 15.26 -5.17 -2.93
C PRO A 390 14.83 -3.72 -2.77
N GLY A 391 14.79 -3.29 -1.51
CA GLY A 391 14.59 -1.89 -1.20
C GLY A 391 13.21 -1.39 -1.61
N LEU A 392 13.11 -0.06 -1.71
CA LEU A 392 11.85 0.58 -2.03
C LEU A 392 11.33 0.20 -3.40
N LYS A 393 12.20 -0.30 -4.29
CA LYS A 393 11.78 -0.61 -5.65
C LYS A 393 10.56 -1.51 -5.70
N LYS A 394 10.14 -2.09 -4.58
CA LYS A 394 8.92 -2.88 -4.55
C LYS A 394 7.73 -2.07 -5.01
N ILE A 395 7.73 -0.76 -4.72
CA ILE A 395 6.57 0.08 -5.00
C ILE A 395 6.19 0.04 -6.48
N TYR A 396 7.18 -0.19 -7.36
CA TYR A 396 6.89 -0.27 -8.79
C TYR A 396 5.88 -1.36 -9.10
N LEU A 397 5.92 -2.48 -8.36
CA LEU A 397 4.92 -3.52 -8.55
C LEU A 397 3.52 -2.96 -8.30
N GLN A 398 3.35 -2.28 -7.17
CA GLN A 398 2.06 -1.63 -6.87
C GLN A 398 1.65 -0.69 -7.99
N VAL A 399 2.59 0.11 -8.48
CA VAL A 399 2.31 1.03 -9.58
C VAL A 399 1.68 0.26 -10.74
N LEU A 400 2.38 -0.76 -11.22
CA LEU A 400 1.89 -1.55 -12.35
C LEU A 400 0.52 -2.14 -12.05
N SER A 401 0.38 -2.76 -10.87
CA SER A 401 -0.89 -3.30 -10.43
C SER A 401 -2.02 -2.28 -10.62
N PHE A 402 -1.83 -1.08 -10.05
CA PHE A 402 -2.84 -0.03 -10.13
C PHE A 402 -3.17 0.30 -11.59
N LEU A 403 -2.15 0.50 -12.41
CA LEU A 403 -2.39 0.81 -13.81
C LEU A 403 -3.30 -0.24 -14.44
N LEU A 404 -2.91 -1.51 -14.29
CA LEU A 404 -3.69 -2.61 -14.86
C LEU A 404 -5.12 -2.61 -14.34
N LEU A 405 -5.29 -2.44 -13.03
CA LEU A 405 -6.62 -2.41 -12.44
C LEU A 405 -7.49 -1.34 -13.10
N GLY A 406 -6.98 -0.11 -13.14
CA GLY A 406 -7.73 0.96 -13.77
C GLY A 406 -8.13 0.64 -15.20
N LEU A 407 -7.17 0.16 -16.00
CA LEU A 407 -7.47 -0.13 -17.39
C LEU A 407 -8.55 -1.20 -17.51
N MET A 408 -8.40 -2.31 -16.78
CA MET A 408 -9.39 -3.37 -16.86
C MET A 408 -10.77 -2.87 -16.43
N SER A 409 -10.82 -2.10 -15.34
CA SER A 409 -12.11 -1.58 -14.90
C SER A 409 -12.75 -0.74 -15.98
N MET A 410 -11.98 0.13 -16.63
CA MET A 410 -12.56 0.91 -17.72
C MET A 410 -12.94 0.04 -18.91
N MET A 411 -12.35 -1.15 -19.03
CA MET A 411 -12.58 -1.96 -20.21
C MET A 411 -13.82 -2.84 -20.11
N ILE A 412 -14.39 -3.03 -18.92
CA ILE A 412 -15.53 -3.94 -18.77
C ILE A 412 -16.70 -3.51 -19.66
N PRO A 413 -17.12 -2.25 -19.67
CA PRO A 413 -18.27 -1.89 -20.52
C PRO A 413 -18.04 -2.15 -21.99
N LEU A 414 -16.81 -2.00 -22.48
CA LEU A 414 -16.56 -2.13 -23.92
C LEU A 414 -16.84 -3.56 -24.38
N CYS A 415 -16.24 -4.55 -23.71
CA CYS A 415 -16.39 -5.93 -24.14
C CYS A 415 -17.86 -6.34 -24.14
N ARG A 416 -18.42 -6.56 -25.33
CA ARG A 416 -19.84 -6.83 -25.49
C ARG A 416 -20.16 -8.31 -25.57
N ASP A 417 -19.17 -9.18 -25.42
CA ASP A 417 -19.40 -10.62 -25.43
C ASP A 417 -18.86 -11.22 -24.14
N PHE A 418 -19.64 -12.11 -23.54
CA PHE A 418 -19.26 -12.68 -22.26
C PHE A 418 -17.88 -13.33 -22.32
N GLY A 419 -17.51 -13.87 -23.49
CA GLY A 419 -16.23 -14.54 -23.62
C GLY A 419 -15.06 -13.63 -23.29
N GLY A 420 -15.20 -12.33 -23.51
CA GLY A 420 -14.13 -11.41 -23.18
C GLY A 420 -14.28 -10.88 -21.77
N LEU A 421 -15.53 -10.71 -21.34
CA LEU A 421 -15.76 -10.22 -19.99
C LEU A 421 -15.17 -11.16 -18.95
N ILE A 422 -15.28 -12.46 -19.20
CA ILE A 422 -14.71 -13.42 -18.26
C ILE A 422 -13.19 -13.26 -18.18
N VAL A 423 -12.55 -13.04 -19.32
CA VAL A 423 -11.10 -12.84 -19.32
C VAL A 423 -10.73 -11.57 -18.55
N VAL A 424 -11.50 -10.51 -18.76
CA VAL A 424 -11.23 -9.27 -18.04
C VAL A 424 -11.35 -9.49 -16.54
N CYS A 425 -12.37 -10.25 -16.13
CA CYS A 425 -12.51 -10.57 -14.71
C CYS A 425 -11.32 -11.38 -14.21
N LEU A 426 -10.85 -12.33 -15.02
CA LEU A 426 -9.65 -13.07 -14.66
C LEU A 426 -8.50 -12.13 -14.33
N PHE A 427 -8.22 -11.21 -15.24
CA PHE A 427 -7.09 -10.30 -15.03
C PHE A 427 -7.32 -9.40 -13.83
N LEU A 428 -8.56 -8.94 -13.63
CA LEU A 428 -8.86 -8.11 -12.47
C LEU A 428 -8.53 -8.85 -11.18
N GLY A 429 -9.01 -10.09 -11.08
CA GLY A 429 -8.71 -10.88 -9.89
C GLY A 429 -7.22 -11.11 -9.72
N LEU A 430 -6.51 -11.31 -10.83
CA LEU A 430 -5.07 -11.52 -10.75
C LEU A 430 -4.36 -10.29 -10.19
N CYS A 431 -4.77 -9.10 -10.61
CA CYS A 431 -4.11 -7.89 -10.13
C CYS A 431 -4.50 -7.55 -8.69
N ASP A 432 -5.70 -7.96 -8.27
CA ASP A 432 -6.14 -7.63 -6.92
C ASP A 432 -5.18 -8.16 -5.86
N GLY A 433 -4.72 -9.40 -6.02
CA GLY A 433 -3.78 -9.95 -5.06
C GLY A 433 -2.44 -9.26 -5.09
N PHE A 434 -1.90 -9.01 -6.29
CA PHE A 434 -0.65 -8.29 -6.40
C PHE A 434 -0.73 -6.97 -5.65
N PHE A 435 -1.92 -6.35 -5.65
CA PHE A 435 -2.08 -5.12 -4.89
C PHE A 435 -2.11 -5.39 -3.38
N ILE A 436 -3.01 -6.26 -2.94
CA ILE A 436 -3.29 -6.39 -1.51
C ILE A 436 -2.08 -6.94 -0.78
N THR A 437 -1.48 -8.01 -1.28
CA THR A 437 -0.51 -8.76 -0.50
C THR A 437 0.72 -7.94 -0.12
N ILE A 438 0.98 -6.84 -0.82
CA ILE A 438 2.27 -6.17 -0.70
C ILE A 438 2.30 -5.08 0.37
N MET A 439 1.15 -4.58 0.82
CA MET A 439 1.14 -3.37 1.62
C MET A 439 1.93 -3.53 2.92
N ALA A 440 1.78 -4.65 3.60
CA ALA A 440 2.48 -4.80 4.89
C ALA A 440 3.99 -4.84 4.70
N PRO A 441 4.56 -5.67 3.82
CA PRO A 441 6.02 -5.65 3.66
C PRO A 441 6.57 -4.27 3.30
N ILE A 442 5.88 -3.53 2.43
CA ILE A 442 6.36 -2.20 2.09
C ILE A 442 6.35 -1.31 3.32
N ALA A 443 5.32 -1.42 4.16
CA ALA A 443 5.26 -0.60 5.36
C ALA A 443 6.46 -0.92 6.26
N PHE A 444 6.74 -2.20 6.47
CA PHE A 444 7.88 -2.56 7.29
C PHE A 444 9.16 -2.01 6.69
N GLU A 445 9.30 -2.09 5.36
CA GLU A 445 10.48 -1.55 4.69
C GLU A 445 10.62 -0.06 4.95
N LEU A 446 9.52 0.68 4.81
CA LEU A 446 9.57 2.13 4.92
C LEU A 446 9.92 2.58 6.34
N VAL A 447 9.22 2.06 7.33
CA VAL A 447 9.32 2.60 8.68
C VAL A 447 10.09 1.71 9.63
N GLY A 448 10.50 0.52 9.19
CA GLY A 448 11.22 -0.39 10.05
C GLY A 448 10.30 -1.15 10.97
N PRO A 449 10.87 -2.00 11.83
CA PRO A 449 10.04 -2.90 12.64
C PRO A 449 9.45 -2.23 13.86
N MET A 450 10.18 -1.31 14.48
CA MET A 450 9.73 -0.71 15.73
C MET A 450 8.58 0.26 15.54
N GLN A 451 8.20 0.57 14.31
CA GLN A 451 7.11 1.50 14.04
C GLN A 451 6.12 0.95 13.02
N ALA A 452 6.15 -0.34 12.72
CA ALA A 452 5.23 -0.90 11.75
C ALA A 452 3.79 -0.80 12.23
N SER A 453 3.56 -1.03 13.53
CA SER A 453 2.20 -1.05 14.05
C SER A 453 1.52 0.29 13.84
N GLN A 454 2.17 1.37 14.27
CA GLN A 454 1.56 2.70 14.14
C GLN A 454 1.35 3.08 12.69
N ALA A 455 2.32 2.77 11.82
CA ALA A 455 2.18 3.09 10.41
C ALA A 455 0.98 2.36 9.82
N ILE A 456 0.84 1.08 10.13
CA ILE A 456 -0.30 0.31 9.61
C ILE A 456 -1.60 0.87 10.16
N GLY A 457 -1.62 1.22 11.44
CA GLY A 457 -2.84 1.77 12.01
C GLY A 457 -3.27 3.03 11.30
N TYR A 458 -2.35 3.96 11.10
CA TYR A 458 -2.70 5.20 10.42
C TYR A 458 -3.09 4.95 8.97
N LEU A 459 -2.38 4.04 8.29
CA LEU A 459 -2.72 3.76 6.91
C LEU A 459 -4.14 3.21 6.78
N LEU A 460 -4.51 2.28 7.66
CA LEU A 460 -5.86 1.75 7.61
C LEU A 460 -6.88 2.82 7.98
N GLY A 461 -6.59 3.63 8.99
CA GLY A 461 -7.50 4.70 9.34
C GLY A 461 -7.75 5.66 8.19
N MET A 462 -6.73 5.89 7.36
CA MET A 462 -6.89 6.79 6.23
C MET A 462 -7.72 6.19 5.11
N MET A 463 -7.85 4.86 5.06
CA MET A 463 -8.66 4.21 4.05
C MET A 463 -10.12 4.06 4.46
N ALA A 464 -10.48 4.53 5.66
CA ALA A 464 -11.82 4.27 6.16
C ALA A 464 -12.88 4.87 5.26
N LEU A 465 -12.69 6.11 4.83
CA LEU A 465 -13.77 6.83 4.17
C LEU A 465 -13.95 6.40 2.72
N PRO A 466 -12.90 6.43 1.89
CA PRO A 466 -13.12 6.19 0.46
C PRO A 466 -13.75 4.85 0.15
N MET A 467 -13.38 3.79 0.88
CA MET A 467 -13.94 2.47 0.60
C MET A 467 -15.44 2.48 0.76
N ILE A 468 -15.94 3.12 1.83
CA ILE A 468 -17.38 3.25 2.01
C ILE A 468 -17.97 4.18 0.96
N ALA A 469 -17.25 5.24 0.60
CA ALA A 469 -17.83 6.25 -0.29
C ALA A 469 -18.00 5.71 -1.70
N GLY A 470 -17.22 4.73 -2.09
CA GLY A 470 -17.22 4.27 -3.48
C GLY A 470 -18.56 3.77 -4.00
N PRO A 471 -19.03 2.66 -3.48
CA PRO A 471 -20.22 2.00 -4.04
C PRO A 471 -21.43 2.93 -4.06
N PRO A 472 -21.68 3.70 -3.00
CA PRO A 472 -22.81 4.64 -3.07
C PRO A 472 -22.68 5.66 -4.18
N ILE A 473 -21.47 6.17 -4.43
CA ILE A 473 -21.30 7.11 -5.52
C ILE A 473 -21.58 6.43 -6.85
N ALA A 474 -21.10 5.20 -7.01
CA ALA A 474 -21.40 4.46 -8.22
C ALA A 474 -22.91 4.34 -8.40
N GLY A 475 -23.62 4.06 -7.31
CA GLY A 475 -25.07 3.93 -7.39
C GLY A 475 -25.74 5.23 -7.78
N LEU A 476 -25.27 6.34 -7.23
CA LEU A 476 -25.83 7.64 -7.62
C LEU A 476 -25.62 7.89 -9.10
N LEU A 477 -24.43 7.57 -9.61
CA LEU A 477 -24.19 7.76 -11.03
C LEU A 477 -25.11 6.86 -11.87
N ARG A 478 -25.30 5.62 -11.42
CA ARG A 478 -26.19 4.72 -12.14
C ARG A 478 -27.60 5.27 -12.19
N ASN A 479 -28.10 5.81 -11.07
CA ASN A 479 -29.42 6.43 -11.08
C ASN A 479 -29.46 7.62 -12.02
N CYS A 480 -28.42 8.45 -12.00
CA CYS A 480 -28.42 9.67 -12.80
C CYS A 480 -28.45 9.36 -14.29
N PHE A 481 -27.69 8.35 -14.74
CA PHE A 481 -27.55 8.09 -16.17
C PHE A 481 -28.40 6.94 -16.69
N GLY A 482 -28.70 5.94 -15.85
CA GLY A 482 -29.50 4.81 -16.30
C GLY A 482 -28.67 3.61 -16.73
N ASP A 483 -27.89 3.76 -17.80
CA ASP A 483 -26.97 2.70 -18.19
C ASP A 483 -25.88 2.56 -17.14
N TYR A 484 -25.32 1.35 -17.04
CA TYR A 484 -24.32 1.08 -16.03
C TYR A 484 -22.90 1.40 -16.47
N HIS A 485 -22.70 1.82 -17.72
CA HIS A 485 -21.34 2.04 -18.21
C HIS A 485 -20.63 3.10 -17.39
N VAL A 486 -21.29 4.24 -17.14
CA VAL A 486 -20.62 5.36 -16.52
C VAL A 486 -20.09 4.98 -15.15
N ALA A 487 -20.77 4.05 -14.46
CA ALA A 487 -20.29 3.62 -13.16
C ALA A 487 -18.87 3.09 -13.24
N PHE A 488 -18.63 2.14 -14.13
CA PHE A 488 -17.29 1.57 -14.26
C PHE A 488 -16.32 2.58 -14.84
N TYR A 489 -16.76 3.40 -15.79
CA TYR A 489 -15.88 4.44 -16.30
C TYR A 489 -15.34 5.28 -15.15
N PHE A 490 -16.22 5.74 -14.26
CA PHE A 490 -15.76 6.50 -13.11
C PHE A 490 -14.87 5.66 -12.22
N ALA A 491 -15.26 4.42 -11.95
CA ALA A 491 -14.49 3.58 -11.03
C ALA A 491 -13.08 3.34 -11.53
N GLY A 492 -12.84 3.49 -12.83
CA GLY A 492 -11.52 3.25 -13.37
C GLY A 492 -10.50 4.36 -13.15
N VAL A 493 -10.93 5.55 -12.78
CA VAL A 493 -10.02 6.71 -12.71
C VAL A 493 -9.21 6.71 -11.43
N PRO A 494 -9.81 6.51 -10.27
CA PRO A 494 -9.08 6.65 -9.01
C PRO A 494 -7.84 5.78 -8.96
N PRO A 495 -7.90 4.52 -9.42
CA PRO A 495 -6.66 3.71 -9.41
C PRO A 495 -5.57 4.28 -10.28
N ILE A 496 -5.92 4.84 -11.44
CA ILE A 496 -4.90 5.46 -12.29
C ILE A 496 -4.27 6.64 -11.58
N ILE A 497 -5.10 7.49 -10.98
CA ILE A 497 -4.56 8.63 -10.25
C ILE A 497 -3.65 8.15 -9.13
N GLY A 498 -4.05 7.09 -8.44
CA GLY A 498 -3.20 6.54 -7.38
C GLY A 498 -1.86 6.07 -7.90
N ALA A 499 -1.86 5.39 -9.05
CA ALA A 499 -0.60 4.97 -9.66
C ALA A 499 0.28 6.17 -9.95
N VAL A 500 -0.29 7.21 -10.55
CA VAL A 500 0.49 8.40 -10.86
C VAL A 500 1.09 8.97 -9.58
N ILE A 501 0.29 9.05 -8.52
CA ILE A 501 0.78 9.61 -7.26
C ILE A 501 1.95 8.78 -6.74
N LEU A 502 1.78 7.46 -6.69
CA LEU A 502 2.84 6.59 -6.17
C LEU A 502 4.10 6.70 -7.01
N PHE A 503 3.95 7.02 -8.29
CA PHE A 503 5.11 7.06 -9.17
C PHE A 503 6.18 8.04 -8.70
N PHE A 504 5.81 9.03 -7.89
CA PHE A 504 6.71 10.10 -7.51
C PHE A 504 7.30 9.98 -6.11
N VAL A 505 7.22 8.81 -5.48
CA VAL A 505 7.75 8.64 -4.14
C VAL A 505 9.27 8.85 -4.18
N PRO A 506 9.82 9.79 -3.44
CA PRO A 506 11.28 9.99 -3.46
C PRO A 506 12.03 8.84 -2.82
N SER A 507 13.25 8.63 -3.29
CA SER A 507 14.17 7.67 -2.70
C SER A 507 14.93 8.29 -1.53
N ARG A 508 15.43 7.42 -0.65
CA ARG A 508 16.14 7.89 0.54
C ARG A 508 17.34 8.77 0.16
N LEU A 509 18.12 8.32 -0.82
CA LEU A 509 19.27 9.10 -1.25
C LEU A 509 18.85 10.49 -1.69
N GLU A 510 17.71 10.60 -2.36
CA GLU A 510 17.22 11.90 -2.79
C GLU A 510 16.75 12.74 -1.60
N GLU A 511 16.18 12.10 -0.58
CA GLU A 511 15.87 12.84 0.65
C GLU A 511 17.14 13.43 1.25
N GLU A 512 18.21 12.64 1.28
CA GLU A 512 19.47 13.15 1.80
C GLU A 512 19.98 14.31 0.95
N LEU A 513 19.84 14.21 -0.37
CA LEU A 513 20.23 15.32 -1.23
C LEU A 513 19.42 16.57 -0.92
N ARG A 514 18.12 16.41 -0.69
CA ARG A 514 17.29 17.54 -0.27
C ARG A 514 17.86 18.16 0.99
N ARG A 515 18.12 17.34 2.00
CA ARG A 515 18.70 17.85 3.25
C ARG A 515 19.99 18.61 2.98
N ARG A 516 20.88 18.03 2.19
CA ARG A 516 22.14 18.69 1.87
C ARG A 516 21.89 20.06 1.26
N LEU A 517 21.01 20.13 0.27
CA LEU A 517 20.67 21.41 -0.32
C LEU A 517 19.99 22.34 0.68
N THR A 518 19.47 21.80 1.79
CA THR A 518 18.87 22.64 2.82
C THR A 518 19.94 23.43 3.56
N GLU A 519 21.03 22.77 3.94
CA GLU A 519 22.10 23.43 4.66
C GLU A 519 22.62 24.64 3.89
N VAL B 4 38.20 6.91 -3.18
CA VAL B 4 37.68 7.77 -4.28
C VAL B 4 38.63 8.93 -4.53
N GLN B 5 38.93 9.19 -5.81
CA GLN B 5 39.85 10.23 -6.21
C GLN B 5 39.18 11.12 -7.25
N LEU B 6 39.36 12.43 -7.12
CA LEU B 6 38.79 13.40 -8.04
C LEU B 6 39.82 14.48 -8.35
N GLN B 7 39.74 15.05 -9.55
CA GLN B 7 40.64 16.12 -9.97
C GLN B 7 39.85 17.07 -10.87
N GLU B 8 39.49 18.23 -10.32
CA GLU B 8 38.69 19.19 -11.05
C GLU B 8 39.47 19.75 -12.23
N SER B 9 38.83 19.79 -13.39
CA SER B 9 39.41 20.35 -14.61
C SER B 9 38.59 21.57 -15.04
N GLY B 10 39.28 22.67 -15.33
CA GLY B 10 38.64 23.88 -15.76
C GLY B 10 38.48 24.89 -14.63
N GLY B 11 38.25 26.14 -15.01
CA GLY B 11 38.10 27.23 -14.09
C GLY B 11 38.74 28.48 -14.65
N GLY B 12 39.03 29.41 -13.75
CA GLY B 12 39.70 30.65 -14.10
C GLY B 12 38.78 31.85 -14.06
N LEU B 13 39.18 32.88 -14.80
CA LEU B 13 38.47 34.15 -14.84
C LEU B 13 37.54 34.18 -16.05
N VAL B 14 36.32 34.66 -15.83
CA VAL B 14 35.33 34.82 -16.89
C VAL B 14 34.68 36.20 -16.72
N GLN B 15 34.20 36.74 -17.83
CA GLN B 15 33.49 38.01 -17.78
C GLN B 15 32.04 37.78 -17.35
N PRO B 16 31.37 38.81 -16.83
CA PRO B 16 29.95 38.67 -16.49
C PRO B 16 29.15 38.29 -17.73
N GLY B 17 28.18 37.40 -17.53
CA GLY B 17 27.39 36.89 -18.63
C GLY B 17 28.03 35.78 -19.43
N GLY B 18 29.25 35.36 -19.07
CA GLY B 18 29.95 34.33 -19.80
C GLY B 18 29.51 32.94 -19.39
N SER B 19 30.21 31.95 -19.95
CA SER B 19 29.92 30.55 -19.72
C SER B 19 31.20 29.80 -19.37
N LEU B 20 31.06 28.78 -18.52
CA LEU B 20 32.19 27.97 -18.10
C LEU B 20 31.72 26.55 -17.84
N ARG B 21 32.54 25.58 -18.26
CA ARG B 21 32.22 24.17 -18.12
C ARG B 21 33.28 23.49 -17.27
N LEU B 22 32.85 22.78 -16.23
CA LEU B 22 33.73 21.98 -15.38
C LEU B 22 33.35 20.52 -15.50
N SER B 23 34.35 19.65 -15.40
CA SER B 23 34.10 18.22 -15.51
C SER B 23 35.33 17.46 -15.03
N CYS B 24 35.10 16.25 -14.53
CA CYS B 24 36.17 15.36 -14.11
C CYS B 24 35.66 13.93 -14.15
N THR B 25 36.59 12.99 -14.23
CA THR B 25 36.28 11.57 -14.27
C THR B 25 36.55 10.97 -12.89
N ALA B 26 35.55 10.25 -12.36
CA ALA B 26 35.73 9.57 -11.09
C ALA B 26 36.90 8.62 -11.15
N SER B 27 37.78 8.70 -10.15
CA SER B 27 38.96 7.88 -10.06
C SER B 27 38.97 7.14 -8.73
N GLY B 28 39.58 5.97 -8.72
CA GLY B 28 39.56 5.12 -7.54
C GLY B 28 38.20 4.52 -7.27
N VAL B 29 37.38 4.34 -8.30
CA VAL B 29 36.04 3.79 -8.16
C VAL B 29 35.62 3.19 -9.48
N THR B 30 34.93 2.05 -9.42
CA THR B 30 34.47 1.36 -10.61
C THR B 30 33.13 1.94 -11.08
N ILE B 31 32.77 1.61 -12.32
CA ILE B 31 31.50 2.07 -12.88
C ILE B 31 30.34 1.56 -12.03
N SER B 32 30.36 0.28 -11.69
CA SER B 32 29.28 -0.30 -10.89
C SER B 32 29.12 0.44 -9.58
N ALA B 33 30.23 0.64 -8.86
CA ALA B 33 30.17 1.38 -7.60
C ALA B 33 29.66 2.80 -7.83
N LEU B 34 30.14 3.45 -8.89
CA LEU B 34 29.73 4.82 -9.15
C LEU B 34 28.22 4.91 -9.36
N ASN B 35 27.64 3.97 -10.10
CA ASN B 35 26.20 3.99 -10.34
C ASN B 35 25.39 3.92 -9.05
N ALA B 36 25.98 3.37 -7.98
CA ALA B 36 25.36 3.38 -6.67
C ALA B 36 25.61 4.69 -5.92
N MET B 37 26.26 5.66 -6.56
CA MET B 37 26.63 6.92 -5.94
C MET B 37 26.06 8.09 -6.73
N ALA B 38 25.91 9.22 -6.04
CA ALA B 38 25.44 10.45 -6.65
C ALA B 38 26.64 11.37 -6.90
N MET B 39 26.84 11.75 -8.16
CA MET B 39 27.92 12.68 -8.49
C MET B 39 27.42 14.11 -8.33
N GLY B 40 28.29 14.98 -7.81
CA GLY B 40 27.88 16.35 -7.60
C GLY B 40 29.08 17.25 -7.41
N TRP B 41 28.78 18.50 -7.08
CA TRP B 41 29.78 19.54 -6.92
C TRP B 41 29.51 20.30 -5.64
N TYR B 42 30.53 21.01 -5.16
CA TYR B 42 30.40 21.85 -3.97
C TYR B 42 30.99 23.23 -4.25
N ARG B 43 30.41 24.24 -3.62
CA ARG B 43 30.83 25.62 -3.75
C ARG B 43 31.42 26.12 -2.44
N GLN B 44 32.48 26.94 -2.55
CA GLN B 44 33.04 27.58 -1.36
C GLN B 44 33.70 28.89 -1.79
N ALA B 45 33.11 30.01 -1.39
CA ALA B 45 33.71 31.32 -1.56
C ALA B 45 34.57 31.67 -0.36
N PRO B 46 35.46 32.67 -0.50
CA PRO B 46 36.30 33.05 0.65
C PRO B 46 35.49 33.32 1.91
N GLY B 47 35.70 32.50 2.95
CA GLY B 47 34.98 32.61 4.18
C GLY B 47 33.72 31.77 4.28
N GLU B 48 33.30 31.14 3.19
CA GLU B 48 32.11 30.31 3.18
C GLU B 48 32.45 28.86 3.45
N ARG B 49 31.45 28.10 3.90
CA ARG B 49 31.58 26.67 4.05
C ARG B 49 31.25 25.97 2.73
N ARG B 50 31.85 24.79 2.53
CA ARG B 50 31.57 24.01 1.34
C ARG B 50 30.13 23.50 1.38
N VAL B 51 29.37 23.76 0.31
CA VAL B 51 27.96 23.43 0.24
C VAL B 51 27.64 22.83 -1.12
N MET B 52 26.82 21.79 -1.12
CA MET B 52 26.36 21.18 -2.37
C MET B 52 25.48 22.15 -3.13
N VAL B 53 25.67 22.21 -4.46
CA VAL B 53 24.89 23.11 -5.30
C VAL B 53 24.14 22.34 -6.39
N ALA B 54 24.67 21.20 -6.81
CA ALA B 54 24.06 20.41 -7.86
C ALA B 54 24.49 18.96 -7.72
N ALA B 55 23.61 18.05 -8.13
CA ALA B 55 23.89 16.64 -8.05
C ALA B 55 22.94 15.90 -8.99
N VAL B 56 23.23 14.61 -9.18
CA VAL B 56 22.41 13.72 -9.99
C VAL B 56 22.18 12.45 -9.20
N SER B 57 20.93 12.00 -9.17
CA SER B 57 20.56 10.92 -8.26
C SER B 57 20.97 9.57 -8.81
N GLU B 58 20.80 8.54 -7.98
CA GLU B 58 20.92 7.16 -8.45
C GLU B 58 19.96 6.92 -9.61
N ARG B 59 18.70 7.34 -9.44
CA ARG B 59 17.67 7.12 -10.44
C ARG B 59 17.82 8.02 -11.68
N GLY B 60 18.94 8.72 -11.82
CA GLY B 60 19.18 9.55 -12.97
C GLY B 60 18.60 10.95 -12.90
N ASN B 61 17.89 11.29 -11.83
CA ASN B 61 17.32 12.63 -11.71
C ASN B 61 18.41 13.64 -11.39
N ALA B 62 18.24 14.85 -11.93
CA ALA B 62 19.12 15.97 -11.63
C ALA B 62 18.39 16.93 -10.68
N MET B 63 19.13 17.46 -9.71
CA MET B 63 18.56 18.36 -8.71
C MET B 63 19.55 19.48 -8.43
N TYR B 64 19.01 20.68 -8.24
CA TYR B 64 19.80 21.88 -8.08
C TYR B 64 19.40 22.59 -6.81
N ARG B 65 20.31 23.42 -6.29
CA ARG B 65 19.91 24.46 -5.36
C ARG B 65 19.21 25.54 -6.16
N GLU B 66 17.95 25.81 -5.80
CA GLU B 66 17.09 26.62 -6.66
C GLU B 66 17.69 27.99 -6.94
N SER B 67 18.50 28.52 -6.04
CA SER B 67 19.07 29.85 -6.23
C SER B 67 19.82 29.94 -7.55
N VAL B 68 20.64 28.93 -7.86
CA VAL B 68 21.48 28.95 -9.05
C VAL B 68 20.90 28.15 -10.19
N GLN B 69 19.68 27.64 -10.05
CA GLN B 69 19.09 26.84 -11.12
C GLN B 69 18.97 27.67 -12.40
N GLY B 70 19.11 27.00 -13.54
CA GLY B 70 19.08 27.67 -14.82
C GLY B 70 20.43 28.21 -15.22
N ARG B 71 20.99 29.12 -14.42
CA ARG B 71 22.34 29.59 -14.68
C ARG B 71 23.35 28.46 -14.51
N PHE B 72 23.03 27.48 -13.66
CA PHE B 72 23.82 26.27 -13.50
C PHE B 72 23.10 25.11 -14.17
N THR B 73 23.90 24.19 -14.73
CA THR B 73 23.36 23.00 -15.33
C THR B 73 24.34 21.85 -15.16
N VAL B 74 23.81 20.66 -14.95
CA VAL B 74 24.61 19.47 -14.71
C VAL B 74 24.07 18.34 -15.57
N THR B 75 24.98 17.54 -16.12
CA THR B 75 24.63 16.34 -16.86
C THR B 75 25.58 15.23 -16.45
N ARG B 76 25.10 13.99 -16.48
CA ARG B 76 25.89 12.85 -16.03
C ARG B 76 25.94 11.77 -17.10
N ASP B 77 27.15 11.31 -17.39
CA ASP B 77 27.40 10.20 -18.30
C ASP B 77 27.91 9.04 -17.46
N PHE B 78 27.02 8.09 -17.17
CA PHE B 78 27.38 6.97 -16.30
C PHE B 78 28.41 6.07 -16.94
N THR B 79 28.33 5.86 -18.26
CA THR B 79 29.28 4.98 -18.92
C THR B 79 30.72 5.47 -18.74
N ASN B 80 30.95 6.74 -19.03
CA ASN B 80 32.28 7.33 -18.94
C ASN B 80 32.63 7.80 -17.54
N LYS B 81 31.71 7.70 -16.58
CA LYS B 81 31.95 8.16 -15.22
C LYS B 81 32.24 9.66 -15.22
N MET B 82 31.44 10.41 -15.97
CA MET B 82 31.65 11.85 -16.16
C MET B 82 30.43 12.63 -15.70
N VAL B 83 30.68 13.71 -14.96
CA VAL B 83 29.65 14.69 -14.60
C VAL B 83 30.16 16.06 -15.04
N SER B 84 29.36 16.75 -15.84
CA SER B 84 29.75 18.04 -16.42
C SER B 84 28.87 19.13 -15.84
N LEU B 85 29.49 20.09 -15.17
CA LEU B 85 28.79 21.22 -14.55
C LEU B 85 28.89 22.40 -15.50
N GLN B 86 27.87 22.57 -16.34
CA GLN B 86 27.82 23.72 -17.23
C GLN B 86 27.23 24.92 -16.50
N MET B 87 27.77 26.10 -16.79
CA MET B 87 27.33 27.34 -16.17
C MET B 87 27.33 28.44 -17.21
N ASP B 88 26.27 29.25 -17.21
CA ASP B 88 26.13 30.35 -18.16
C ASP B 88 25.51 31.54 -17.45
N ASN B 89 25.64 32.72 -18.07
CA ASN B 89 25.16 33.97 -17.50
C ASN B 89 25.81 34.22 -16.14
N LEU B 90 27.11 33.93 -16.05
CA LEU B 90 27.83 34.07 -14.80
C LEU B 90 27.84 35.52 -14.33
N LYS B 91 27.83 35.69 -13.02
CA LYS B 91 27.80 37.00 -12.38
C LYS B 91 28.87 37.06 -11.30
N PRO B 92 29.28 38.27 -10.88
CA PRO B 92 30.37 38.37 -9.90
C PRO B 92 30.12 37.61 -8.61
N GLU B 93 28.87 37.53 -8.16
CA GLU B 93 28.58 36.83 -6.91
C GLU B 93 28.93 35.35 -6.99
N ASP B 94 29.08 34.80 -8.19
CA ASP B 94 29.37 33.38 -8.37
C ASP B 94 30.82 33.03 -8.08
N THR B 95 31.70 34.00 -7.94
CA THR B 95 33.12 33.73 -7.72
C THR B 95 33.31 32.83 -6.50
N ALA B 96 33.92 31.66 -6.71
CA ALA B 96 34.18 30.72 -5.63
C ALA B 96 34.95 29.54 -6.21
N VAL B 97 35.53 28.74 -5.31
CA VAL B 97 36.22 27.52 -5.67
C VAL B 97 35.22 26.37 -5.62
N TYR B 98 35.13 25.60 -6.70
CA TYR B 98 34.14 24.55 -6.84
C TYR B 98 34.84 23.20 -6.82
N TYR B 99 34.26 22.26 -6.09
CA TYR B 99 34.89 20.97 -5.79
C TYR B 99 34.03 19.83 -6.28
N CYS B 100 34.64 18.88 -6.97
CA CYS B 100 33.97 17.64 -7.33
C CYS B 100 33.73 16.78 -6.10
N HIS B 101 32.56 16.16 -6.04
CA HIS B 101 32.16 15.38 -4.88
C HIS B 101 31.39 14.14 -5.30
N VAL B 102 31.51 13.07 -4.51
CA VAL B 102 30.75 11.84 -4.70
C VAL B 102 30.08 11.49 -3.38
N LEU B 103 28.78 11.23 -3.42
CA LEU B 103 28.04 10.77 -2.26
C LEU B 103 27.76 9.27 -2.41
N GLU B 104 28.21 8.49 -1.45
CA GLU B 104 28.03 7.05 -1.46
C GLU B 104 27.13 6.64 -0.31
N ASP B 105 26.13 5.80 -0.61
CA ASP B 105 25.27 5.26 0.43
C ASP B 105 25.92 4.09 1.12
N ARG B 106 25.63 3.95 2.41
CA ARG B 106 26.12 2.83 3.20
C ARG B 106 25.03 2.45 4.18
N VAL B 107 25.30 1.42 4.99
CA VAL B 107 24.30 0.92 5.92
C VAL B 107 23.96 2.03 6.91
N ASP B 108 22.74 2.57 6.80
CA ASP B 108 22.28 3.64 7.67
C ASP B 108 23.32 4.74 7.80
N SER B 109 24.04 4.99 6.71
CA SER B 109 25.11 5.99 6.72
C SER B 109 25.46 6.34 5.28
N PHE B 110 26.24 7.40 5.13
CA PHE B 110 26.64 7.89 3.81
C PHE B 110 28.05 8.44 3.91
N HIS B 111 28.75 8.47 2.77
CA HIS B 111 30.12 8.95 2.71
C HIS B 111 30.24 10.04 1.64
N ASP B 112 30.73 11.21 2.04
CA ASP B 112 30.87 12.37 1.17
C ASP B 112 32.35 12.61 0.88
N TYR B 113 32.74 12.47 -0.38
CA TYR B 113 34.11 12.62 -0.82
C TYR B 113 34.30 13.97 -1.51
N TRP B 114 35.54 14.45 -1.52
CA TRP B 114 35.87 15.78 -2.01
C TRP B 114 37.00 15.71 -3.02
N GLY B 115 36.92 16.58 -4.05
CA GLY B 115 37.98 16.72 -5.01
C GLY B 115 38.86 17.94 -4.73
N GLN B 116 39.82 18.16 -5.63
CA GLN B 116 40.70 19.31 -5.56
C GLN B 116 40.05 20.46 -6.31
N GLY B 117 39.40 21.35 -5.56
CA GLY B 117 38.56 22.35 -6.18
C GLY B 117 39.34 23.28 -7.09
N THR B 118 38.61 23.88 -8.04
CA THR B 118 39.17 24.83 -9.00
C THR B 118 38.53 26.20 -8.77
N GLN B 119 39.36 27.23 -8.71
CA GLN B 119 38.86 28.59 -8.50
C GLN B 119 38.18 29.12 -9.77
N VAL B 120 37.07 29.82 -9.59
CA VAL B 120 36.34 30.46 -10.67
C VAL B 120 36.01 31.88 -10.23
N THR B 121 36.32 32.86 -11.08
CA THR B 121 36.05 34.26 -10.80
C THR B 121 35.29 34.87 -11.96
N VAL B 122 34.38 35.79 -11.64
CA VAL B 122 33.54 36.46 -12.63
C VAL B 122 33.77 37.96 -12.47
N SER B 123 34.55 38.54 -13.37
CA SER B 123 34.81 39.97 -13.35
C SER B 123 35.12 40.45 -14.76
N SER B 124 34.94 41.75 -14.98
CA SER B 124 35.19 42.35 -16.28
C SER B 124 36.63 42.81 -16.41
#